data_6IV5
#
_entry.id   6IV5
#
_cell.length_a   50.904
_cell.length_b   82.352
_cell.length_c   86.686
_cell.angle_alpha   90.00
_cell.angle_beta   90.00
_cell.angle_gamma   90.00
#
_symmetry.space_group_name_H-M   'P 21 21 21'
#
loop_
_entity.id
_entity.type
_entity.pdbx_description
1 polymer 'Adenosine/AMP deaminase family protein'
2 non-polymer 'PHOSPHATE ION'
3 non-polymer 'ZINC ION'
4 water water
#
_entity_poly.entity_id   1
_entity_poly.type   'polypeptide(L)'
_entity_poly.pdbx_seq_one_letter_code
;MEWIQSLPKIELHAHLNGSIRDSTLLELARVLGEKGVIVFADVEHVIQKNDRSLVEVFKLFDLIHKLTTDHKTVTRITRE
VVEDFALENVVYLELRTTPKRSDSIGMSKRSYMEAVIQGLRSVSEVDIDFVTASDSQKLHNAGDGIGRKKIYVRLLLSID
RRETTESAMETVKLALEMRDVGVVGIDLSGNPLVGEWSTFLPALQYAKDNDLHITLHCGEVPNPKEIQAMLDFKPHRIGH
ACFFKDEDWTKLKSFRIPVEICLTSNIVTKSISSIDIHHFADLYNAKHPLILCTDDFGVFSTSLSNEYALAVRSLGLSKS
ETFALARAAIDATFAEDEVKQQLRFIFDSASPEHV
;
_entity_poly.pdbx_strand_id   A
#
loop_
_chem_comp.id
_chem_comp.type
_chem_comp.name
_chem_comp.formula
PO4 non-polymer 'PHOSPHATE ION' 'O4 P -3'
ZN non-polymer 'ZINC ION' 'Zn 2'
#
# COMPACT_ATOMS: atom_id res chain seq x y z
N MET A 1 -20.58 7.98 -9.08
CA MET A 1 -20.46 8.94 -10.17
C MET A 1 -19.30 9.91 -9.93
N GLU A 2 -19.45 11.15 -10.41
CA GLU A 2 -18.38 12.14 -10.41
C GLU A 2 -18.11 12.75 -9.03
N TRP A 3 -19.11 12.76 -8.14
CA TRP A 3 -18.89 13.33 -6.82
C TRP A 3 -17.85 12.54 -6.03
N ILE A 4 -17.69 11.25 -6.35
CA ILE A 4 -16.70 10.42 -5.65
C ILE A 4 -15.27 10.85 -6.03
N GLN A 5 -15.06 11.23 -7.28
CA GLN A 5 -13.73 11.67 -7.69
C GLN A 5 -13.31 12.94 -6.96
N SER A 6 -14.24 13.83 -6.66
CA SER A 6 -13.87 15.07 -5.96
C SER A 6 -13.89 14.91 -4.45
N LEU A 7 -14.36 13.78 -3.94
CA LEU A 7 -14.32 13.52 -2.50
C LEU A 7 -12.87 13.52 -2.02
N PRO A 8 -12.55 14.23 -0.93
CA PRO A 8 -11.21 14.07 -0.32
C PRO A 8 -11.04 12.67 0.22
N LYS A 9 -9.90 12.05 -0.07
CA LYS A 9 -9.69 10.66 0.26
C LYS A 9 -8.32 10.44 0.88
N ILE A 10 -8.24 9.37 1.66
CA ILE A 10 -7.02 8.96 2.35
C ILE A 10 -6.63 7.57 1.83
N GLU A 11 -5.40 7.43 1.33
CA GLU A 11 -4.88 6.16 0.85
C GLU A 11 -3.84 5.65 1.85
N LEU A 12 -4.06 4.43 2.38
CA LEU A 12 -3.18 3.84 3.39
C LEU A 12 -2.51 2.56 2.95
N HIS A 13 -2.80 2.06 1.74
CA HIS A 13 -2.22 0.79 1.35
C HIS A 13 -2.03 0.85 -0.17
N ALA A 14 -0.91 1.44 -0.58
CA ALA A 14 -0.57 1.52 -2.00
C ALA A 14 0.91 1.21 -2.13
N HIS A 15 1.24 0.16 -2.89
CA HIS A 15 2.63 -0.19 -3.13
C HIS A 15 3.15 0.63 -4.29
N LEU A 16 4.34 1.24 -4.11
CA LEU A 16 4.94 2.07 -5.15
C LEU A 16 5.01 1.35 -6.50
N ASN A 17 5.60 0.16 -6.51
CA ASN A 17 5.82 -0.50 -7.79
C ASN A 17 4.57 -1.18 -8.34
N GLY A 18 3.46 -1.19 -7.59
CA GLY A 18 2.19 -1.65 -8.10
C GLY A 18 1.28 -0.56 -8.59
N SER A 19 1.75 0.71 -8.53
CA SER A 19 0.96 1.91 -8.81
C SER A 19 1.43 2.63 -10.07
N ILE A 20 2.15 1.94 -10.96
CA ILE A 20 2.83 2.57 -12.09
C ILE A 20 1.86 2.73 -13.27
N ARG A 21 1.96 3.87 -13.95
CA ARG A 21 1.15 4.11 -15.14
C ARG A 21 1.44 3.05 -16.20
N ASP A 22 0.38 2.59 -16.88
CA ASP A 22 0.54 1.61 -17.96
C ASP A 22 1.56 2.12 -18.99
N SER A 23 1.40 3.38 -19.41
CA SER A 23 2.27 3.95 -20.43
C SER A 23 3.71 4.00 -19.95
N THR A 24 3.92 4.29 -18.67
CA THR A 24 5.27 4.34 -18.12
C THR A 24 5.92 2.97 -18.14
N LEU A 25 5.20 1.94 -17.68
CA LEU A 25 5.70 0.57 -17.70
C LEU A 25 6.12 0.16 -19.11
N LEU A 26 5.29 0.48 -20.11
CA LEU A 26 5.60 0.10 -21.48
C LEU A 26 6.80 0.88 -22.02
N GLU A 27 6.91 2.16 -21.66
CA GLU A 27 8.08 2.95 -22.05
C GLU A 27 9.37 2.35 -21.48
N LEU A 28 9.33 1.91 -20.23
CA LEU A 28 10.50 1.27 -19.63
C LEU A 28 10.79 -0.06 -20.29
N ALA A 29 9.77 -0.84 -20.57
CA ALA A 29 9.95 -2.09 -21.29
C ALA A 29 10.55 -1.83 -22.68
N ARG A 30 10.06 -0.81 -23.37
CA ARG A 30 10.56 -0.52 -24.71
C ARG A 30 12.03 -0.11 -24.68
N VAL A 31 12.42 0.74 -23.73
CA VAL A 31 13.82 1.16 -23.64
C VAL A 31 14.73 -0.03 -23.35
N LEU A 32 14.27 -0.96 -22.51
CA LEU A 32 15.08 -2.12 -22.19
C LEU A 32 15.10 -3.14 -23.32
N GLY A 33 14.07 -3.15 -24.17
CA GLY A 33 14.12 -3.98 -25.37
C GLY A 33 15.09 -3.43 -26.39
N GLU A 34 15.08 -2.10 -26.59
CA GLU A 34 16.05 -1.46 -27.45
C GLU A 34 17.48 -1.71 -26.95
N LYS A 35 17.66 -1.83 -25.64
CA LYS A 35 18.93 -2.26 -25.06
C LYS A 35 19.16 -3.75 -25.21
N GLY A 36 18.13 -4.52 -25.51
CA GLY A 36 18.27 -5.96 -25.56
C GLY A 36 18.48 -6.60 -24.21
N VAL A 37 18.14 -5.90 -23.12
CA VAL A 37 18.16 -6.53 -21.80
C VAL A 37 16.93 -7.41 -21.60
N ILE A 38 15.86 -7.15 -22.34
CA ILE A 38 14.67 -7.98 -22.39
C ILE A 38 14.22 -8.06 -23.84
N VAL A 39 13.19 -8.87 -24.09
CA VAL A 39 12.51 -8.92 -25.38
C VAL A 39 11.13 -8.30 -25.20
N PHE A 40 10.89 -7.19 -25.90
CA PHE A 40 9.68 -6.41 -25.66
C PHE A 40 8.42 -7.22 -25.87
N ALA A 41 8.43 -8.17 -26.81
CA ALA A 41 7.22 -8.92 -27.12
C ALA A 41 6.85 -9.87 -25.99
N ASP A 42 7.84 -10.48 -25.33
CA ASP A 42 7.55 -11.34 -24.19
C ASP A 42 7.03 -10.53 -23.01
N VAL A 43 7.81 -9.52 -22.59
CA VAL A 43 7.45 -8.72 -21.42
C VAL A 43 6.10 -8.05 -21.62
N GLU A 44 5.80 -7.63 -22.85
CA GLU A 44 4.47 -7.11 -23.14
C GLU A 44 3.41 -8.19 -23.00
N HIS A 45 3.75 -9.46 -23.32
CA HIS A 45 2.76 -10.52 -23.27
C HIS A 45 2.37 -10.88 -21.84
N VAL A 46 3.33 -10.86 -20.91
CA VAL A 46 3.00 -11.05 -19.50
C VAL A 46 2.20 -9.86 -18.98
N ILE A 47 2.60 -8.65 -19.35
CA ILE A 47 1.92 -7.44 -18.91
C ILE A 47 0.45 -7.45 -19.31
N GLN A 48 0.13 -8.06 -20.45
CA GLN A 48 -1.23 -7.96 -21.00
C GLN A 48 -2.21 -8.92 -20.30
N LYS A 49 -1.88 -10.20 -20.19
CA LYS A 49 -2.84 -11.15 -19.62
C LYS A 49 -2.18 -12.13 -18.65
N ASN A 50 -1.27 -11.64 -17.80
CA ASN A 50 -1.00 -12.34 -16.54
C ASN A 50 -2.30 -12.36 -15.75
N ASP A 51 -2.68 -13.57 -15.29
CA ASP A 51 -3.97 -13.75 -14.63
C ASP A 51 -4.16 -12.83 -13.44
N ARG A 52 -3.07 -12.45 -12.78
CA ARG A 52 -3.07 -11.68 -11.55
C ARG A 52 -3.83 -12.36 -10.42
N SER A 53 -4.11 -13.66 -10.56
CA SER A 53 -4.46 -14.47 -9.41
C SER A 53 -3.33 -14.41 -8.39
N LEU A 54 -3.60 -14.86 -7.16
CA LEU A 54 -2.63 -14.69 -6.08
C LEU A 54 -1.29 -15.31 -6.43
N VAL A 55 -1.31 -16.52 -6.99
CA VAL A 55 -0.05 -17.17 -7.38
C VAL A 55 0.57 -16.44 -8.57
N GLU A 56 -0.24 -16.13 -9.58
CA GLU A 56 0.30 -15.58 -10.82
C GLU A 56 0.84 -14.17 -10.65
N VAL A 57 0.21 -13.36 -9.81
CA VAL A 57 0.53 -11.93 -9.77
C VAL A 57 1.95 -11.68 -9.29
N PHE A 58 2.51 -12.57 -8.47
CA PHE A 58 3.86 -12.32 -7.97
C PHE A 58 4.92 -12.53 -9.05
N LYS A 59 4.58 -13.27 -10.13
CA LYS A 59 5.46 -13.33 -11.28
C LYS A 59 5.44 -12.01 -12.05
N LEU A 60 4.27 -11.37 -12.13
CA LEU A 60 4.20 -10.03 -12.70
C LEU A 60 5.03 -9.04 -11.88
N PHE A 61 5.00 -9.18 -10.55
CA PHE A 61 5.79 -8.30 -9.68
C PHE A 61 7.29 -8.53 -9.89
N ASP A 62 7.70 -9.79 -10.04
CA ASP A 62 9.08 -10.10 -10.42
C ASP A 62 9.45 -9.37 -11.71
N LEU A 63 8.57 -9.45 -12.72
CA LEU A 63 8.83 -8.80 -13.99
C LEU A 63 8.90 -7.28 -13.84
N ILE A 64 7.95 -6.69 -13.12
CA ILE A 64 7.99 -5.25 -12.88
C ILE A 64 9.31 -4.87 -12.21
N HIS A 65 9.78 -5.69 -11.28
CA HIS A 65 10.99 -5.32 -10.55
C HIS A 65 12.22 -5.36 -11.43
N LYS A 66 12.20 -6.18 -12.48
CA LYS A 66 13.28 -6.15 -13.47
C LYS A 66 13.26 -4.84 -14.28
N LEU A 67 12.08 -4.24 -14.42
CA LEU A 67 11.95 -3.02 -15.20
C LEU A 67 12.22 -1.75 -14.40
N THR A 68 12.11 -1.80 -13.06
CA THR A 68 12.05 -0.58 -12.27
C THR A 68 13.14 -0.44 -11.23
N THR A 69 13.97 -1.44 -11.01
CA THR A 69 14.94 -1.38 -9.91
C THR A 69 16.19 -0.65 -10.41
N ASP A 70 16.09 0.67 -10.41
CA ASP A 70 17.12 1.58 -10.90
C ASP A 70 16.78 2.95 -10.34
N HIS A 71 17.81 3.73 -9.99
CA HIS A 71 17.58 4.93 -9.19
C HIS A 71 16.71 5.95 -9.93
N LYS A 72 17.06 6.24 -11.19
CA LYS A 72 16.26 7.19 -11.96
C LYS A 72 14.79 6.75 -12.06
N THR A 73 14.55 5.46 -12.26
CA THR A 73 13.18 4.99 -12.41
C THR A 73 12.41 5.13 -11.11
N VAL A 74 13.06 4.80 -9.98
CA VAL A 74 12.40 4.94 -8.69
C VAL A 74 11.98 6.39 -8.47
N THR A 75 12.86 7.33 -8.79
CA THR A 75 12.52 8.75 -8.66
C THR A 75 11.33 9.11 -9.51
N ARG A 76 11.34 8.66 -10.78
CA ARG A 76 10.26 8.96 -11.70
C ARG A 76 8.93 8.39 -11.22
N ILE A 77 8.92 7.10 -10.86
CA ILE A 77 7.61 6.52 -10.54
C ILE A 77 7.09 7.05 -9.21
N THR A 78 7.97 7.40 -8.26
CA THR A 78 7.51 8.07 -7.04
C THR A 78 6.74 9.36 -7.36
N ARG A 79 7.33 10.24 -8.18
CA ARG A 79 6.63 11.46 -8.55
C ARG A 79 5.31 11.16 -9.25
N GLU A 80 5.32 10.23 -10.21
CA GLU A 80 4.12 9.94 -10.99
C GLU A 80 2.99 9.41 -10.12
N VAL A 81 3.32 8.55 -9.14
CA VAL A 81 2.29 7.97 -8.29
C VAL A 81 1.68 9.02 -7.38
N VAL A 82 2.51 9.87 -6.78
CA VAL A 82 1.99 10.92 -5.91
C VAL A 82 1.08 11.85 -6.70
N GLU A 83 1.53 12.27 -7.88
CA GLU A 83 0.73 13.19 -8.67
C GLU A 83 -0.58 12.53 -9.12
N ASP A 84 -0.53 11.24 -9.47
CA ASP A 84 -1.74 10.55 -9.88
C ASP A 84 -2.76 10.50 -8.74
N PHE A 85 -2.31 10.16 -7.54
CA PHE A 85 -3.22 10.12 -6.40
C PHE A 85 -3.75 11.52 -6.09
N ALA A 86 -2.89 12.53 -6.13
CA ALA A 86 -3.33 13.87 -5.77
C ALA A 86 -4.37 14.38 -6.75
N LEU A 87 -4.25 14.01 -8.03
CA LEU A 87 -5.17 14.52 -9.03
C LEU A 87 -6.53 13.86 -8.95
N GLU A 88 -6.67 12.73 -8.25
CA GLU A 88 -8.00 12.24 -7.91
C GLU A 88 -8.39 12.60 -6.48
N ASN A 89 -7.78 13.66 -5.94
CA ASN A 89 -8.14 14.27 -4.66
C ASN A 89 -7.86 13.35 -3.47
N VAL A 90 -6.80 12.55 -3.56
CA VAL A 90 -6.21 12.00 -2.35
C VAL A 90 -5.47 13.12 -1.64
N VAL A 91 -5.83 13.38 -0.39
CA VAL A 91 -5.19 14.46 0.35
C VAL A 91 -4.15 13.95 1.32
N TYR A 92 -4.16 12.66 1.63
CA TYR A 92 -3.11 12.08 2.47
C TYR A 92 -2.82 10.69 1.94
N LEU A 93 -1.54 10.42 1.70
CA LEU A 93 -1.09 9.16 1.12
C LEU A 93 0.02 8.60 2.01
N GLU A 94 -0.17 7.37 2.51
CA GLU A 94 0.97 6.61 3.03
C GLU A 94 1.39 5.67 1.90
N LEU A 95 2.55 5.95 1.35
CA LEU A 95 3.08 5.19 0.23
C LEU A 95 4.05 4.16 0.79
N ARG A 96 3.85 2.89 0.45
CA ARG A 96 4.74 1.85 0.96
C ARG A 96 5.60 1.28 -0.16
N THR A 97 6.83 0.93 0.18
CA THR A 97 7.69 0.30 -0.81
C THR A 97 8.75 -0.54 -0.09
N THR A 98 9.21 -1.57 -0.77
CA THR A 98 10.24 -2.45 -0.23
C THR A 98 11.59 -1.91 -0.70
N PRO A 99 12.45 -1.40 0.18
CA PRO A 99 13.77 -0.95 -0.27
C PRO A 99 14.54 -2.13 -0.83
N LYS A 100 15.23 -1.90 -1.95
CA LYS A 100 15.91 -2.95 -2.69
C LYS A 100 17.43 -2.76 -2.64
N ARG A 101 18.15 -3.86 -2.73
CA ARG A 101 19.60 -3.88 -2.85
C ARG A 101 19.96 -4.48 -4.20
N SER A 102 20.84 -3.81 -4.94
CA SER A 102 21.30 -4.36 -6.22
C SER A 102 22.75 -3.94 -6.41
N ASP A 103 23.67 -4.87 -6.17
CA ASP A 103 25.09 -4.51 -6.13
C ASP A 103 25.59 -4.04 -7.50
N SER A 104 25.08 -4.64 -8.59
CA SER A 104 25.62 -4.37 -9.92
C SER A 104 25.42 -2.92 -10.35
N ILE A 105 24.48 -2.20 -9.73
CA ILE A 105 24.21 -0.81 -10.05
C ILE A 105 24.45 0.11 -8.86
N GLY A 106 25.14 -0.38 -7.83
CA GLY A 106 25.45 0.45 -6.68
C GLY A 106 24.22 0.91 -5.92
N MET A 107 23.20 0.07 -5.85
CA MET A 107 21.98 0.39 -5.12
C MET A 107 21.94 -0.37 -3.81
N SER A 108 21.76 0.37 -2.72
CA SER A 108 21.52 -0.15 -1.38
C SER A 108 20.08 0.17 -0.98
N LYS A 109 19.62 -0.44 0.11
CA LYS A 109 18.30 -0.07 0.64
C LYS A 109 18.22 1.43 0.90
N ARG A 110 19.31 2.01 1.42
CA ARG A 110 19.34 3.44 1.68
C ARG A 110 19.28 4.26 0.40
N SER A 111 20.07 3.88 -0.61
CA SER A 111 20.09 4.69 -1.84
C SER A 111 18.80 4.52 -2.61
N TYR A 112 18.18 3.33 -2.55
CA TYR A 112 16.83 3.20 -3.09
C TYR A 112 15.89 4.21 -2.45
N MET A 113 15.92 4.32 -1.12
CA MET A 113 15.01 5.24 -0.45
C MET A 113 15.36 6.69 -0.71
N GLU A 114 16.65 7.00 -0.89
CA GLU A 114 17.02 8.35 -1.29
C GLU A 114 16.43 8.70 -2.65
N ALA A 115 16.35 7.73 -3.56
CA ALA A 115 15.71 7.99 -4.84
C ALA A 115 14.22 8.23 -4.68
N VAL A 116 13.57 7.59 -3.70
CA VAL A 116 12.17 7.90 -3.42
C VAL A 116 12.06 9.34 -2.95
N ILE A 117 12.91 9.74 -1.99
CA ILE A 117 12.88 11.11 -1.51
C ILE A 117 13.11 12.08 -2.67
N GLN A 118 14.05 11.76 -3.57
CA GLN A 118 14.28 12.66 -4.70
C GLN A 118 13.01 12.78 -5.55
N GLY A 119 12.26 11.68 -5.68
CA GLY A 119 10.99 11.74 -6.40
C GLY A 119 10.00 12.68 -5.73
N LEU A 120 9.90 12.63 -4.40
CA LEU A 120 9.02 13.54 -3.68
C LEU A 120 9.46 15.00 -3.88
N ARG A 121 10.77 15.24 -3.90
CA ARG A 121 11.25 16.61 -4.11
C ARG A 121 10.97 17.10 -5.52
N SER A 122 10.81 16.18 -6.48
CA SER A 122 10.55 16.53 -7.88
C SER A 122 9.08 16.80 -8.16
N VAL A 123 8.19 16.52 -7.21
CA VAL A 123 6.76 16.70 -7.44
C VAL A 123 6.46 18.17 -7.71
N SER A 124 5.73 18.42 -8.77
CA SER A 124 5.58 19.77 -9.29
C SER A 124 4.17 20.12 -9.72
N GLU A 125 3.36 19.16 -10.18
CA GLU A 125 2.01 19.42 -10.65
C GLU A 125 1.04 19.73 -9.51
N VAL A 126 1.40 19.32 -8.29
CA VAL A 126 0.59 19.54 -7.10
C VAL A 126 1.53 20.00 -6.00
N ASP A 127 0.95 20.60 -4.98
CA ASP A 127 1.72 20.94 -3.79
C ASP A 127 1.81 19.72 -2.88
N ILE A 128 2.93 19.57 -2.21
CA ILE A 128 3.21 18.37 -1.43
C ILE A 128 3.84 18.75 -0.09
N ASP A 129 3.40 18.09 0.96
CA ASP A 129 4.04 18.14 2.27
C ASP A 129 4.45 16.72 2.56
N PHE A 130 5.77 16.46 2.67
CA PHE A 130 6.19 15.10 3.00
C PHE A 130 7.02 14.99 4.26
N VAL A 131 7.47 16.10 4.84
CA VAL A 131 7.79 16.12 6.28
C VAL A 131 6.99 17.21 7.00
N ARG A 148 -5.02 24.59 -7.37
CA ARG A 148 -3.82 23.82 -7.08
C ARG A 148 -4.04 22.79 -5.96
N LYS A 149 -3.98 21.51 -6.31
CA LYS A 149 -4.19 20.46 -5.33
C LYS A 149 -2.99 20.35 -4.38
N LYS A 150 -3.26 19.84 -3.18
CA LYS A 150 -2.20 19.62 -2.19
C LYS A 150 -2.37 18.23 -1.58
N ILE A 151 -1.27 17.51 -1.44
CA ILE A 151 -1.28 16.16 -0.87
C ILE A 151 -0.22 16.08 0.22
N TYR A 152 -0.58 15.45 1.34
CA TYR A 152 0.37 15.07 2.36
C TYR A 152 0.83 13.66 2.05
N VAL A 153 2.15 13.45 2.07
CA VAL A 153 2.72 12.13 1.79
C VAL A 153 3.58 11.72 2.96
N ARG A 154 3.37 10.49 3.43
CA ARG A 154 4.27 9.88 4.40
C ARG A 154 4.63 8.49 3.89
N LEU A 155 5.69 7.90 4.46
CA LEU A 155 6.26 6.68 3.88
C LEU A 155 6.22 5.50 4.85
N LEU A 156 5.90 4.33 4.31
CA LEU A 156 6.08 3.05 5.01
C LEU A 156 7.16 2.25 4.30
N LEU A 157 8.10 1.66 5.04
CA LEU A 157 9.07 0.74 4.45
C LEU A 157 8.57 -0.68 4.63
N SER A 158 8.51 -1.43 3.54
CA SER A 158 8.01 -2.80 3.57
C SER A 158 9.15 -3.78 3.81
N ILE A 159 8.97 -4.69 4.76
CA ILE A 159 9.82 -5.87 4.86
C ILE A 159 9.18 -6.96 4.01
N ASP A 160 9.98 -7.62 3.17
CA ASP A 160 9.45 -8.70 2.34
C ASP A 160 9.59 -10.04 3.07
N ARG A 161 8.61 -10.92 2.87
CA ARG A 161 8.58 -12.18 3.60
C ARG A 161 9.71 -13.13 3.21
N ARG A 162 10.47 -12.83 2.16
CA ARG A 162 11.65 -13.61 1.81
C ARG A 162 12.88 -13.22 2.60
N GLU A 163 12.85 -12.12 3.33
CA GLU A 163 14.06 -11.61 3.97
C GLU A 163 14.35 -12.35 5.27
N THR A 164 15.58 -12.17 5.76
CA THR A 164 16.00 -12.69 7.06
C THR A 164 15.67 -11.70 8.16
N THR A 165 15.82 -12.14 9.41
CA THR A 165 15.69 -11.21 10.54
C THR A 165 16.68 -10.06 10.41
N GLU A 166 17.93 -10.40 10.10
CA GLU A 166 18.97 -9.39 9.99
C GLU A 166 18.66 -8.37 8.92
N SER A 167 18.16 -8.84 7.77
CA SER A 167 17.78 -7.94 6.67
C SER A 167 16.59 -7.07 7.06
N ALA A 168 15.57 -7.67 7.69
CA ALA A 168 14.46 -6.88 8.20
C ALA A 168 14.92 -5.81 9.17
N MET A 169 15.91 -6.13 10.01
CA MET A 169 16.42 -5.14 10.95
C MET A 169 17.09 -3.97 10.23
N GLU A 170 17.77 -4.24 9.11
CA GLU A 170 18.36 -3.16 8.34
C GLU A 170 17.28 -2.20 7.84
N THR A 171 16.14 -2.76 7.40
CA THR A 171 15.05 -1.92 6.95
C THR A 171 14.48 -1.10 8.10
N VAL A 172 14.31 -1.71 9.27
CA VAL A 172 13.81 -0.95 10.41
C VAL A 172 14.81 0.15 10.79
N LYS A 173 16.10 -0.17 10.79
CA LYS A 173 17.11 0.83 11.10
C LYS A 173 17.04 2.01 10.14
N LEU A 174 16.89 1.72 8.84
CA LEU A 174 16.74 2.76 7.84
C LEU A 174 15.51 3.63 8.09
N ALA A 175 14.38 2.98 8.41
CA ALA A 175 13.16 3.72 8.68
C ALA A 175 13.37 4.72 9.81
N LEU A 176 14.03 4.29 10.89
CA LEU A 176 14.30 5.20 12.00
C LEU A 176 15.17 6.37 11.55
N GLU A 177 16.17 6.08 10.70
CA GLU A 177 17.07 7.12 10.22
C GLU A 177 16.34 8.12 9.34
N MET A 178 15.25 7.71 8.69
CA MET A 178 14.56 8.55 7.72
C MET A 178 13.26 9.10 8.26
N ARG A 179 13.06 9.07 9.58
CA ARG A 179 11.90 9.73 10.14
C ARG A 179 11.91 11.22 9.81
N ASP A 180 13.10 11.79 9.60
CA ASP A 180 13.20 13.21 9.28
C ASP A 180 12.73 13.55 7.87
N VAL A 181 12.42 12.57 7.03
CA VAL A 181 11.88 12.87 5.70
C VAL A 181 10.57 12.12 5.55
N GLY A 182 9.93 11.82 6.67
CA GLY A 182 8.56 11.41 6.65
C GLY A 182 8.28 9.92 6.69
N VAL A 183 9.28 9.08 7.00
CA VAL A 183 8.95 7.67 7.23
C VAL A 183 8.24 7.56 8.58
N VAL A 184 7.09 6.89 8.58
CA VAL A 184 6.26 6.79 9.78
C VAL A 184 5.99 5.37 10.21
N GLY A 185 6.35 4.37 9.42
CA GLY A 185 6.02 3.03 9.84
C GLY A 185 6.67 1.96 8.99
N ILE A 186 6.33 0.73 9.34
CA ILE A 186 6.89 -0.47 8.74
C ILE A 186 5.73 -1.36 8.33
N ASP A 187 5.87 -2.04 7.19
CA ASP A 187 4.90 -3.01 6.70
C ASP A 187 5.60 -4.36 6.55
N LEU A 188 4.81 -5.43 6.63
CA LEU A 188 5.28 -6.77 6.25
C LEU A 188 4.43 -7.23 5.07
N SER A 189 5.08 -7.47 3.93
CA SER A 189 4.35 -7.78 2.70
C SER A 189 5.14 -8.82 1.91
N GLY A 190 4.67 -9.09 0.70
CA GLY A 190 5.26 -10.12 -0.14
C GLY A 190 4.38 -11.35 -0.20
N ASN A 191 4.97 -12.43 -0.71
CA ASN A 191 4.21 -13.67 -0.95
C ASN A 191 3.77 -14.29 0.36
N PRO A 192 2.45 -14.42 0.61
CA PRO A 192 1.99 -14.92 1.91
C PRO A 192 2.26 -16.40 2.13
N LEU A 193 2.71 -17.13 1.10
CA LEU A 193 3.05 -18.53 1.23
C LEU A 193 4.52 -18.74 1.61
N VAL A 194 5.28 -17.67 1.76
CA VAL A 194 6.73 -17.71 1.97
C VAL A 194 7.03 -17.20 3.37
N GLY A 195 8.02 -17.80 4.02
CA GLY A 195 8.57 -17.27 5.25
C GLY A 195 7.69 -17.55 6.47
N GLU A 196 8.26 -17.29 7.64
CA GLU A 196 7.59 -17.53 8.91
C GLU A 196 7.55 -16.26 9.76
N TRP A 197 6.43 -16.11 10.48
CA TRP A 197 6.26 -14.97 11.38
C TRP A 197 7.40 -14.86 12.37
N SER A 198 7.96 -15.99 12.82
CA SER A 198 9.04 -15.94 13.80
C SER A 198 10.26 -15.20 13.28
N THR A 199 10.44 -15.16 11.97
CA THR A 199 11.58 -14.44 11.39
C THR A 199 11.43 -12.93 11.54
N PHE A 200 10.19 -12.45 11.46
CA PHE A 200 9.94 -11.02 11.36
C PHE A 200 9.53 -10.40 12.67
N LEU A 201 8.91 -11.18 13.56
CA LEU A 201 8.52 -10.68 14.88
C LEU A 201 9.63 -9.89 15.58
N PRO A 202 10.87 -10.38 15.68
CA PRO A 202 11.89 -9.61 16.41
C PRO A 202 12.18 -8.24 15.80
N ALA A 203 12.14 -8.13 14.48
CA ALA A 203 12.42 -6.84 13.86
C ALA A 203 11.22 -5.91 13.99
N LEU A 204 10.01 -6.46 13.87
CA LEU A 204 8.80 -5.64 14.04
C LEU A 204 8.67 -5.17 15.48
N GLN A 205 9.10 -5.99 16.44
CA GLN A 205 9.04 -5.57 17.83
C GLN A 205 10.03 -4.42 18.08
N TYR A 206 11.24 -4.52 17.53
CA TYR A 206 12.18 -3.41 17.61
C TYR A 206 11.58 -2.14 17.03
N ALA A 207 10.89 -2.26 15.89
CA ALA A 207 10.29 -1.09 15.27
C ALA A 207 9.23 -0.47 16.18
N LYS A 208 8.33 -1.32 16.69
CA LYS A 208 7.25 -0.85 17.54
C LYS A 208 7.77 -0.24 18.84
N ASP A 209 8.81 -0.85 19.42
CA ASP A 209 9.41 -0.31 20.65
C ASP A 209 10.09 1.03 20.42
N ASN A 210 10.46 1.34 19.18
CA ASN A 210 11.02 2.63 18.81
C ASN A 210 9.97 3.59 18.28
N ASP A 211 8.69 3.27 18.49
CA ASP A 211 7.55 4.15 18.24
C ASP A 211 7.24 4.34 16.76
N LEU A 212 7.78 3.47 15.90
CA LEU A 212 7.26 3.33 14.55
C LEU A 212 5.91 2.63 14.58
N HIS A 213 5.03 3.04 13.68
CA HIS A 213 3.74 2.36 13.57
C HIS A 213 3.88 1.18 12.62
N ILE A 214 3.08 0.14 12.85
CA ILE A 214 3.21 -1.14 12.16
C ILE A 214 1.89 -1.48 11.47
N THR A 215 1.97 -1.84 10.19
CA THR A 215 0.87 -2.49 9.48
C THR A 215 1.36 -3.81 8.91
N LEU A 216 0.47 -4.79 8.86
CA LEU A 216 0.83 -6.16 8.45
C LEU A 216 -0.17 -6.65 7.41
N HIS A 217 0.34 -7.19 6.29
CA HIS A 217 -0.49 -8.00 5.41
C HIS A 217 -0.87 -9.28 6.17
N CYS A 218 -2.17 -9.52 6.35
CA CYS A 218 -2.61 -10.52 7.32
C CYS A 218 -3.77 -11.32 6.75
N GLY A 219 -3.66 -12.64 6.78
CA GLY A 219 -4.79 -13.47 6.36
C GLY A 219 -5.04 -13.50 4.87
N GLU A 220 -4.02 -13.28 4.05
CA GLU A 220 -4.21 -13.33 2.60
C GLU A 220 -4.45 -14.76 2.14
N VAL A 221 -3.93 -15.73 2.88
CA VAL A 221 -4.21 -17.16 2.69
C VAL A 221 -4.60 -17.75 4.02
N PRO A 222 -5.24 -18.92 4.04
CA PRO A 222 -5.54 -19.57 5.31
C PRO A 222 -4.26 -19.85 6.08
N ASN A 223 -4.21 -19.39 7.31
CA ASN A 223 -3.06 -19.61 8.17
C ASN A 223 -3.46 -19.24 9.59
N PRO A 224 -4.20 -20.13 10.27
CA PRO A 224 -4.73 -19.77 11.61
C PRO A 224 -3.69 -19.38 12.63
N LYS A 225 -2.57 -20.10 12.72
CA LYS A 225 -1.58 -19.76 13.74
C LYS A 225 -0.92 -18.42 13.46
N GLU A 226 -0.61 -18.13 12.18
CA GLU A 226 0.02 -16.85 11.87
C GLU A 226 -0.95 -15.71 12.05
N ILE A 227 -2.23 -15.89 11.69
CA ILE A 227 -3.19 -14.83 11.91
C ILE A 227 -3.28 -14.49 13.40
N GLN A 228 -3.37 -15.52 14.24
CA GLN A 228 -3.45 -15.27 15.68
C GLN A 228 -2.16 -14.61 16.20
N ALA A 229 -1.01 -15.04 15.70
CA ALA A 229 0.24 -14.45 16.19
C ALA A 229 0.35 -12.99 15.76
N MET A 230 -0.11 -12.67 14.56
CA MET A 230 -0.08 -11.27 14.12
C MET A 230 -1.03 -10.42 14.92
N LEU A 231 -2.24 -10.94 15.19
CA LEU A 231 -3.18 -10.20 16.03
C LEU A 231 -2.61 -10.00 17.43
N ASP A 232 -1.99 -11.03 18.00
CA ASP A 232 -1.43 -10.92 19.35
C ASP A 232 -0.31 -9.89 19.44
N PHE A 233 0.36 -9.63 18.32
CA PHE A 233 1.41 -8.61 18.28
C PHE A 233 0.84 -7.21 18.42
N LYS A 234 -0.46 -7.03 18.16
CA LYS A 234 -1.20 -5.78 18.20
C LYS A 234 -0.57 -4.74 17.29
N PRO A 235 -0.53 -4.99 15.98
CA PRO A 235 -0.10 -3.96 15.04
C PRO A 235 -1.08 -2.80 15.06
N HIS A 236 -0.68 -1.68 14.46
CA HIS A 236 -1.58 -0.54 14.42
C HIS A 236 -2.61 -0.65 13.31
N ARG A 237 -2.30 -1.35 12.23
CA ARG A 237 -3.23 -1.64 11.14
C ARG A 237 -2.95 -3.04 10.63
N ILE A 238 -3.94 -3.65 9.97
CA ILE A 238 -3.65 -4.82 9.15
C ILE A 238 -4.25 -4.60 7.77
N GLY A 239 -3.70 -5.30 6.79
CA GLY A 239 -4.23 -5.30 5.43
C GLY A 239 -4.91 -6.62 5.15
N HIS A 240 -6.08 -6.57 4.51
CA HIS A 240 -6.75 -7.70 3.84
C HIS A 240 -7.67 -8.49 4.75
N ALA A 241 -7.15 -9.41 5.57
CA ALA A 241 -7.96 -10.22 6.50
C ALA A 241 -8.94 -11.13 5.75
N CYS A 242 -8.51 -11.68 4.62
CA CYS A 242 -9.45 -12.42 3.76
C CYS A 242 -9.83 -13.78 4.32
N PHE A 243 -8.91 -14.47 4.98
CA PHE A 243 -9.18 -15.82 5.46
C PHE A 243 -9.24 -15.89 6.99
N PHE A 244 -9.79 -14.84 7.60
CA PHE A 244 -10.07 -14.88 9.03
C PHE A 244 -11.19 -15.86 9.34
N LYS A 245 -11.08 -16.50 10.49
CA LYS A 245 -12.12 -17.31 11.09
C LYS A 245 -12.75 -16.55 12.26
N ASP A 246 -13.76 -17.14 12.88
CA ASP A 246 -14.55 -16.40 13.87
C ASP A 246 -13.70 -15.93 15.06
N GLU A 247 -12.80 -16.78 15.55
CA GLU A 247 -11.94 -16.36 16.66
C GLU A 247 -11.03 -15.21 16.24
N ASP A 248 -10.66 -15.15 14.96
CA ASP A 248 -9.84 -14.05 14.47
C ASP A 248 -10.63 -12.74 14.44
N TRP A 249 -11.87 -12.80 13.93
CA TRP A 249 -12.70 -11.59 13.92
C TRP A 249 -12.96 -11.10 15.33
N THR A 250 -13.22 -12.03 16.26
CA THR A 250 -13.50 -11.62 17.64
C THR A 250 -12.32 -10.85 18.22
N LYS A 251 -11.11 -11.38 18.02
CA LYS A 251 -9.93 -10.73 18.56
C LYS A 251 -9.66 -9.40 17.87
N LEU A 252 -9.80 -9.38 16.53
CA LEU A 252 -9.64 -8.15 15.76
C LEU A 252 -10.56 -7.05 16.27
N LYS A 253 -11.85 -7.38 16.44
CA LYS A 253 -12.81 -6.38 16.88
C LYS A 253 -12.54 -5.91 18.30
N SER A 254 -12.05 -6.81 19.14
CA SER A 254 -11.72 -6.46 20.52
C SER A 254 -10.48 -5.57 20.60
N PHE A 255 -9.49 -5.80 19.73
CA PHE A 255 -8.27 -5.01 19.72
C PHE A 255 -8.43 -3.71 18.93
N ARG A 256 -9.51 -3.59 18.16
CA ARG A 256 -9.85 -2.36 17.43
C ARG A 256 -8.78 -2.00 16.40
N ILE A 257 -8.20 -3.02 15.77
CA ILE A 257 -7.18 -2.78 14.73
C ILE A 257 -7.85 -2.46 13.39
N PRO A 258 -7.62 -1.28 12.81
CA PRO A 258 -8.23 -0.95 11.52
C PRO A 258 -7.76 -1.90 10.42
N VAL A 259 -8.63 -2.14 9.45
CA VAL A 259 -8.34 -3.05 8.34
C VAL A 259 -8.27 -2.21 7.06
N GLU A 260 -7.14 -2.34 6.36
CA GLU A 260 -7.00 -1.80 5.00
C GLU A 260 -7.72 -2.72 4.04
N ILE A 261 -8.80 -2.24 3.42
CA ILE A 261 -9.67 -3.05 2.56
C ILE A 261 -9.27 -2.79 1.12
N CYS A 262 -8.94 -3.86 0.39
CA CYS A 262 -8.46 -3.77 -1.00
C CYS A 262 -9.41 -4.57 -1.88
N LEU A 263 -10.53 -3.95 -2.27
CA LEU A 263 -11.63 -4.69 -2.89
C LEU A 263 -11.21 -5.34 -4.20
N THR A 264 -10.74 -4.51 -5.17
CA THR A 264 -10.40 -5.05 -6.47
C THR A 264 -9.25 -6.05 -6.36
N SER A 265 -8.22 -5.71 -5.60
CA SER A 265 -7.11 -6.65 -5.37
C SER A 265 -7.63 -8.00 -4.89
N ASN A 266 -8.51 -7.98 -3.88
CA ASN A 266 -8.99 -9.23 -3.29
C ASN A 266 -9.79 -10.06 -4.29
N ILE A 267 -10.58 -9.39 -5.12
CA ILE A 267 -11.45 -10.09 -6.07
C ILE A 267 -10.63 -10.64 -7.23
N VAL A 268 -9.68 -9.84 -7.74
CA VAL A 268 -8.89 -10.30 -8.87
C VAL A 268 -7.96 -11.44 -8.46
N THR A 269 -7.33 -11.34 -7.29
CA THR A 269 -6.43 -12.41 -6.87
C THR A 269 -7.19 -13.63 -6.37
N LYS A 270 -8.52 -13.55 -6.27
CA LYS A 270 -9.38 -14.65 -5.83
C LYS A 270 -9.15 -14.99 -4.36
N SER A 271 -8.72 -14.00 -3.57
CA SER A 271 -8.72 -14.12 -2.12
C SER A 271 -10.12 -13.96 -1.53
N ILE A 272 -10.99 -13.28 -2.26
CA ILE A 272 -12.41 -13.14 -1.93
C ILE A 272 -13.22 -13.44 -3.19
N SER A 273 -14.21 -14.33 -3.07
CA SER A 273 -14.85 -14.79 -4.30
C SER A 273 -15.73 -13.72 -4.94
N SER A 274 -16.26 -12.78 -4.14
CA SER A 274 -17.19 -11.81 -4.69
C SER A 274 -17.31 -10.61 -3.75
N ILE A 275 -17.56 -9.43 -4.34
CA ILE A 275 -17.76 -8.26 -3.50
C ILE A 275 -19.01 -8.43 -2.63
N ASP A 276 -19.98 -9.23 -3.09
CA ASP A 276 -21.22 -9.42 -2.34
C ASP A 276 -21.02 -10.23 -1.05
N ILE A 277 -19.90 -10.94 -0.90
CA ILE A 277 -19.59 -11.62 0.35
C ILE A 277 -18.38 -11.03 1.06
N HIS A 278 -17.82 -9.95 0.53
CA HIS A 278 -16.61 -9.38 1.11
C HIS A 278 -16.87 -8.86 2.52
N HIS A 279 -15.94 -9.18 3.43
CA HIS A 279 -16.03 -8.87 4.85
C HIS A 279 -16.08 -7.38 5.16
N PHE A 280 -15.75 -6.50 4.20
CA PHE A 280 -15.82 -5.07 4.50
C PHE A 280 -17.23 -4.64 4.89
N ALA A 281 -18.26 -5.33 4.37
CA ALA A 281 -19.63 -4.98 4.75
C ALA A 281 -19.91 -5.33 6.20
N ASP A 282 -19.48 -6.52 6.64
CA ASP A 282 -19.63 -6.90 8.04
C ASP A 282 -18.89 -5.94 8.96
N LEU A 283 -17.67 -5.55 8.57
CA LEU A 283 -16.93 -4.60 9.39
C LEU A 283 -17.65 -3.27 9.46
N TYR A 284 -18.17 -2.80 8.33
CA TYR A 284 -18.90 -1.53 8.32
C TYR A 284 -20.10 -1.60 9.26
N ASN A 285 -20.89 -2.66 9.15
CA ASN A 285 -22.09 -2.76 9.97
C ASN A 285 -21.77 -2.96 11.43
N ALA A 286 -20.61 -3.55 11.74
CA ALA A 286 -20.17 -3.75 13.12
C ALA A 286 -19.46 -2.53 13.69
N LYS A 287 -19.34 -1.46 12.89
CA LYS A 287 -18.69 -0.22 13.30
C LYS A 287 -17.23 -0.49 13.67
N HIS A 288 -16.60 -1.40 12.93
CA HIS A 288 -15.17 -1.62 13.05
C HIS A 288 -14.42 -0.75 12.03
N PRO A 289 -13.31 -0.12 12.43
CA PRO A 289 -12.60 0.78 11.50
C PRO A 289 -12.07 0.05 10.28
N LEU A 290 -12.38 0.61 9.11
CA LEU A 290 -11.87 0.11 7.84
C LEU A 290 -11.54 1.29 6.95
N ILE A 291 -10.58 1.08 6.06
CA ILE A 291 -10.17 2.09 5.09
C ILE A 291 -10.07 1.44 3.71
N LEU A 292 -10.78 2.00 2.74
CA LEU A 292 -10.70 1.52 1.37
C LEU A 292 -9.37 1.96 0.75
N CYS A 293 -8.69 1.01 0.11
CA CYS A 293 -7.34 1.21 -0.40
C CYS A 293 -7.22 0.61 -1.79
N THR A 294 -6.18 1.03 -2.56
CA THR A 294 -6.03 0.51 -3.91
C THR A 294 -5.18 -0.74 -4.00
N ASP A 295 -4.19 -0.88 -3.11
CA ASP A 295 -3.17 -1.92 -3.12
C ASP A 295 -2.19 -1.69 -4.27
N ASP A 296 -2.66 -1.91 -5.51
CA ASP A 296 -1.79 -1.80 -6.69
C ASP A 296 -2.66 -1.30 -7.84
N PHE A 297 -2.93 0.01 -7.87
CA PHE A 297 -3.92 0.47 -8.84
C PHE A 297 -3.42 0.31 -10.27
N GLY A 298 -2.10 0.27 -10.48
CA GLY A 298 -1.55 0.00 -11.80
C GLY A 298 -1.77 -1.44 -12.21
N VAL A 299 -1.31 -2.36 -11.36
CA VAL A 299 -1.47 -3.79 -11.64
C VAL A 299 -2.94 -4.17 -11.80
N PHE A 300 -3.81 -3.62 -10.96
CA PHE A 300 -5.21 -4.04 -10.92
C PHE A 300 -6.14 -3.13 -11.70
N SER A 301 -5.61 -2.17 -12.45
CA SER A 301 -6.39 -1.32 -13.36
C SER A 301 -7.55 -0.63 -12.62
N THR A 302 -7.23 -0.02 -11.49
CA THR A 302 -8.24 0.68 -10.72
C THR A 302 -7.73 2.05 -10.29
N SER A 303 -8.45 2.68 -9.37
CA SER A 303 -8.10 3.97 -8.79
C SER A 303 -8.80 4.02 -7.43
N LEU A 304 -8.39 4.96 -6.57
CA LEU A 304 -9.08 5.00 -5.28
C LEU A 304 -10.52 5.44 -5.45
N SER A 305 -10.79 6.34 -6.41
CA SER A 305 -12.17 6.72 -6.69
C SER A 305 -13.01 5.50 -7.10
N ASN A 306 -12.45 4.62 -7.93
CA ASN A 306 -13.18 3.44 -8.36
C ASN A 306 -13.41 2.45 -7.21
N GLU A 307 -12.45 2.33 -6.28
CA GLU A 307 -12.68 1.48 -5.11
C GLU A 307 -13.83 2.03 -4.27
N TYR A 308 -13.92 3.36 -4.12
CA TYR A 308 -15.05 3.91 -3.40
C TYR A 308 -16.36 3.67 -4.15
N ALA A 309 -16.34 3.77 -5.48
CA ALA A 309 -17.55 3.53 -6.26
C ALA A 309 -18.03 2.09 -6.08
N LEU A 310 -17.11 1.13 -6.09
CA LEU A 310 -17.47 -0.26 -5.81
C LEU A 310 -18.12 -0.39 -4.45
N ALA A 311 -17.53 0.25 -3.43
CA ALA A 311 -18.06 0.13 -2.07
C ALA A 311 -19.40 0.83 -1.92
N VAL A 312 -19.52 2.04 -2.46
CA VAL A 312 -20.78 2.79 -2.35
C VAL A 312 -21.92 2.00 -2.97
N ARG A 313 -21.69 1.39 -4.13
CA ARG A 313 -22.71 0.60 -4.81
C ARG A 313 -23.07 -0.64 -3.99
N SER A 314 -22.06 -1.35 -3.47
CA SER A 314 -22.29 -2.62 -2.80
C SER A 314 -22.98 -2.42 -1.46
N LEU A 315 -22.52 -1.45 -0.68
CA LEU A 315 -23.15 -1.14 0.60
C LEU A 315 -24.42 -0.31 0.45
N GLY A 316 -24.58 0.41 -0.65
CA GLY A 316 -25.70 1.33 -0.78
C GLY A 316 -25.56 2.57 0.08
N LEU A 317 -24.39 3.18 0.05
CA LEU A 317 -24.12 4.34 0.90
C LEU A 317 -24.62 5.61 0.24
N SER A 318 -25.12 6.51 1.07
CA SER A 318 -25.42 7.87 0.64
C SER A 318 -24.13 8.68 0.57
N LYS A 319 -24.21 9.84 -0.09
CA LYS A 319 -23.08 10.76 -0.11
C LYS A 319 -22.63 11.07 1.30
N SER A 320 -23.57 11.28 2.21
CA SER A 320 -23.21 11.66 3.58
C SER A 320 -22.52 10.50 4.30
N GLU A 321 -23.00 9.27 4.09
CA GLU A 321 -22.36 8.12 4.71
C GLU A 321 -20.99 7.86 4.11
N THR A 322 -20.84 8.11 2.81
CA THR A 322 -19.54 7.94 2.15
C THR A 322 -18.53 8.94 2.67
N PHE A 323 -18.94 10.21 2.78
CA PHE A 323 -18.05 11.24 3.33
C PHE A 323 -17.62 10.88 4.74
N ALA A 324 -18.56 10.36 5.55
CA ALA A 324 -18.24 10.01 6.93
C ALA A 324 -17.23 8.86 6.98
N LEU A 325 -17.42 7.85 6.14
CA LEU A 325 -16.47 6.75 6.05
C LEU A 325 -15.08 7.27 5.66
N ALA A 326 -15.02 8.09 4.63
CA ALA A 326 -13.72 8.61 4.17
C ALA A 326 -13.03 9.39 5.28
N ARG A 327 -13.79 10.18 6.03
CA ARG A 327 -13.21 11.03 7.06
C ARG A 327 -12.69 10.20 8.24
N ALA A 328 -13.35 9.06 8.53
CA ALA A 328 -12.94 8.22 9.64
C ALA A 328 -11.52 7.69 9.48
N ALA A 329 -11.00 7.67 8.25
CA ALA A 329 -9.65 7.15 8.05
C ALA A 329 -8.58 8.04 8.70
N ILE A 330 -8.89 9.30 9.01
CA ILE A 330 -7.90 10.20 9.58
C ILE A 330 -7.28 9.60 10.84
N ASP A 331 -8.11 9.03 11.72
CA ASP A 331 -7.54 8.56 12.97
C ASP A 331 -6.81 7.22 12.82
N ALA A 332 -6.85 6.60 11.63
CA ALA A 332 -6.04 5.42 11.36
C ALA A 332 -4.70 5.73 10.71
N THR A 333 -4.48 6.96 10.25
CA THR A 333 -3.19 7.32 9.68
C THR A 333 -2.10 7.23 10.74
N PHE A 334 -0.85 7.17 10.28
CA PHE A 334 0.32 7.14 11.15
C PHE A 334 0.95 8.51 11.30
N ALA A 335 0.24 9.56 10.90
CA ALA A 335 0.76 10.91 10.84
C ALA A 335 0.71 11.59 12.21
N GLU A 336 1.53 12.63 12.35
CA GLU A 336 1.57 13.40 13.59
C GLU A 336 0.24 14.13 13.80
N ASP A 337 -0.03 14.49 15.05
CA ASP A 337 -1.31 15.10 15.40
C ASP A 337 -1.58 16.37 14.60
N GLU A 338 -0.53 17.14 14.32
CA GLU A 338 -0.65 18.34 13.50
C GLU A 338 -1.23 18.02 12.13
N VAL A 339 -0.73 16.97 11.49
CA VAL A 339 -1.23 16.61 10.16
C VAL A 339 -2.69 16.17 10.27
N LYS A 340 -3.01 15.36 11.27
CA LYS A 340 -4.39 14.91 11.43
C LYS A 340 -5.33 16.10 11.61
N GLN A 341 -4.89 17.13 12.33
CA GLN A 341 -5.73 18.32 12.51
C GLN A 341 -5.95 19.02 11.18
N GLN A 342 -4.92 19.09 10.33
CA GLN A 342 -5.09 19.67 9.01
C GLN A 342 -6.04 18.84 8.16
N LEU A 343 -5.93 17.51 8.23
CA LEU A 343 -6.87 16.67 7.51
C LEU A 343 -8.30 16.92 7.96
N ARG A 344 -8.51 17.08 9.27
CA ARG A 344 -9.86 17.33 9.76
C ARG A 344 -10.40 18.62 9.18
N PHE A 345 -9.54 19.64 9.09
CA PHE A 345 -9.96 20.91 8.52
C PHE A 345 -10.28 20.78 7.03
N ILE A 346 -9.43 20.06 6.29
CA ILE A 346 -9.68 19.79 4.88
C ILE A 346 -11.02 19.09 4.69
N PHE A 347 -11.28 18.04 5.48
CA PHE A 347 -12.52 17.31 5.33
C PHE A 347 -13.72 18.15 5.75
N ASP A 348 -13.62 18.84 6.88
CA ASP A 348 -14.72 19.69 7.33
C ASP A 348 -14.98 20.85 6.38
N SER A 349 -13.99 21.24 5.56
CA SER A 349 -14.23 22.22 4.52
C SER A 349 -14.99 21.64 3.34
N ALA A 350 -14.82 20.34 3.06
CA ALA A 350 -15.64 19.69 2.04
C ALA A 350 -16.92 19.09 2.60
P PO4 B . 7.31 -2.42 -3.95
O1 PO4 B . 5.98 -2.96 -4.45
O2 PO4 B . 8.43 -3.19 -4.63
O3 PO4 B . 7.43 -2.61 -2.46
O4 PO4 B . 7.37 -0.96 -4.31
ZN ZN C . -0.50 -4.93 -0.34
#